data_8P95
#
_entry.id   8P95
#
_cell.length_a   39.520
_cell.length_b   68.030
_cell.length_c   40.270
_cell.angle_alpha   90.000
_cell.angle_beta   93.550
_cell.angle_gamma   90.000
#
_symmetry.space_group_name_H-M   'P 1 21 1'
#
loop_
_entity.id
_entity.type
_entity.pdbx_description
1 polymer 'Beta-lactamase VIM-1'
2 non-polymer 'ZINC ION'
3 non-polymer '3-(2-ethoxypyridin-3-yl)-7-propan-2-yl-1~{H}-indole-2-carboxylic acid'
4 water water
#
_entity_poly.entity_id   1
_entity_poly.type   'polypeptide(L)'
_entity_poly.pdbx_seq_one_letter_code
;MLKVISSLLVYMTASVMAVASPLAHSGEPSGEYPTVNEIPVGEVRLYQIADGVWSHIATQSFDGAVYPSNGLIVRDGDEL
LLIDTAWGAKNTAALLAEIEKQIGLPVTRAVSTHFHDDRVGGVDVLRAAGVATYASPSTRRLAEAEGNEIPTHSLEGLSS
SGDAVRFGPVELFYPGAAHSTDNLVVYVPSANVLYGGCAVHELSSTSAGNVADADLAEWPTSVERIQKHYPEAEVVIPGH
GLPGGLDLLQHTANVVKAHKNRSVAE
;
_entity_poly.pdbx_strand_id   A
#
loop_
_chem_comp.id
_chem_comp.type
_chem_comp.name
_chem_comp.formula
XA9 non-polymer '3-(2-ethoxypyridin-3-yl)-7-propan-2-yl-1~{H}-indole-2-carboxylic acid' 'C19 H20 N2 O3'
ZN non-polymer 'ZINC ION' 'Zn 2'
#
# COMPACT_ATOMS: atom_id res chain seq x y z
N SER A 30 21.27 -5.50 -3.42
CA SER A 30 21.97 -5.61 -4.72
C SER A 30 21.06 -6.09 -5.87
N GLY A 31 19.82 -5.60 -5.90
N GLY A 31 19.87 -5.56 -5.91
CA GLY A 31 18.90 -5.87 -6.98
CA GLY A 31 18.91 -5.87 -6.98
C GLY A 31 17.72 -6.77 -6.64
C GLY A 31 17.77 -6.82 -6.67
N GLU A 32 17.86 -7.63 -5.63
CA GLU A 32 16.71 -8.47 -5.26
C GLU A 32 15.66 -7.66 -4.50
N TYR A 33 14.40 -8.15 -4.42
CA TYR A 33 13.42 -7.36 -3.69
C TYR A 33 13.82 -7.30 -2.20
N PRO A 34 13.85 -6.11 -1.56
CA PRO A 34 14.33 -5.90 -0.18
C PRO A 34 13.42 -6.63 0.81
N THR A 35 14.05 -7.42 1.71
N THR A 35 14.09 -7.00 1.87
CA THR A 35 13.30 -8.31 2.63
CA THR A 35 13.46 -7.65 2.96
C THR A 35 13.39 -7.91 4.10
C THR A 35 14.00 -7.07 4.21
N VAL A 36 12.48 -8.49 4.96
N VAL A 36 13.37 -7.45 5.37
CA VAL A 36 12.33 -8.00 6.32
CA VAL A 36 13.84 -6.97 6.67
C VAL A 36 13.63 -8.07 7.08
C VAL A 36 15.30 -7.21 6.86
N ASN A 37 14.31 -9.23 7.03
N ASN A 37 15.84 -8.27 6.27
CA ASN A 37 15.58 -9.37 7.71
CA ASN A 37 17.24 -8.59 6.53
C ASN A 37 16.67 -8.49 7.12
C ASN A 37 18.20 -7.68 5.77
N GLU A 38 16.45 -7.93 5.91
N GLU A 38 17.72 -6.92 4.78
CA GLU A 38 17.45 -7.10 5.25
CA GLU A 38 18.57 -6.10 3.93
C GLU A 38 17.29 -5.61 5.50
C GLU A 38 18.28 -4.60 4.01
N ILE A 39 16.22 -5.17 6.16
N ILE A 39 17.44 -4.19 4.93
CA ILE A 39 15.93 -3.73 6.34
CA ILE A 39 17.14 -2.79 5.17
C ILE A 39 15.79 -3.45 7.83
C ILE A 39 17.79 -2.42 6.51
N PRO A 40 16.77 -2.79 8.48
N PRO A 40 18.80 -1.56 6.52
CA PRO A 40 16.58 -2.42 9.89
CA PRO A 40 19.45 -1.19 7.79
C PRO A 40 15.37 -1.50 10.03
C PRO A 40 18.42 -0.58 8.70
N VAL A 41 14.72 -1.58 11.17
N VAL A 41 18.71 -0.63 10.00
CA VAL A 41 13.63 -0.67 11.42
CA VAL A 41 17.75 -0.16 11.01
C VAL A 41 14.17 0.74 11.44
C VAL A 41 17.34 1.27 10.78
N GLY A 42 13.56 1.64 10.69
N GLY A 42 16.03 1.54 10.81
CA GLY A 42 14.08 3.01 10.49
CA GLY A 42 15.48 2.88 10.62
C GLY A 42 14.61 3.36 9.11
C GLY A 42 15.47 3.36 9.19
N GLU A 43 14.94 2.38 8.32
N GLU A 43 15.69 2.49 8.27
CA GLU A 43 15.64 2.61 7.04
CA GLU A 43 15.88 2.82 6.86
C GLU A 43 14.65 2.28 5.93
C GLU A 43 14.71 2.43 6.00
N VAL A 44 14.78 2.91 4.75
CA VAL A 44 13.81 2.63 3.70
C VAL A 44 14.60 2.29 2.45
N ARG A 45 14.06 1.34 1.68
N ARG A 45 14.09 1.33 1.68
CA ARG A 45 14.59 1.04 0.38
CA ARG A 45 14.64 1.04 0.38
C ARG A 45 13.53 1.28 -0.68
C ARG A 45 13.56 1.22 -0.69
N LEU A 46 14.00 1.58 -1.89
CA LEU A 46 13.15 1.69 -3.06
C LEU A 46 13.47 0.54 -4.01
N TYR A 47 12.50 0.15 -4.81
CA TYR A 47 12.65 -0.89 -5.81
C TYR A 47 11.97 -0.44 -7.07
N GLN A 48 12.70 -0.43 -8.18
CA GLN A 48 12.11 0.00 -9.44
C GLN A 48 11.22 -1.11 -10.00
N ILE A 49 9.95 -0.83 -10.17
CA ILE A 49 8.97 -1.80 -10.68
C ILE A 49 8.81 -1.69 -12.18
N ALA A 50 8.76 -0.45 -12.70
CA ALA A 50 8.56 -0.16 -14.12
C ALA A 50 9.05 1.26 -14.34
N ASP A 51 9.01 1.71 -15.59
CA ASP A 51 9.37 3.07 -15.84
CA ASP A 51 9.37 3.09 -15.85
C ASP A 51 8.44 4.03 -15.06
N GLY A 52 9.02 4.86 -14.21
CA GLY A 52 8.24 5.80 -13.43
C GLY A 52 7.40 5.19 -12.32
N VAL A 53 7.71 3.95 -11.91
CA VAL A 53 7.01 3.30 -10.82
C VAL A 53 8.01 2.61 -9.93
N TRP A 54 7.97 2.91 -8.63
CA TRP A 54 8.79 2.25 -7.62
C TRP A 54 7.92 1.74 -6.50
N SER A 55 8.34 0.68 -5.83
CA SER A 55 7.80 0.43 -4.50
C SER A 55 8.78 0.99 -3.46
N HIS A 56 8.26 1.24 -2.29
CA HIS A 56 9.07 1.57 -1.12
C HIS A 56 8.84 0.49 -0.08
N ILE A 57 9.90 0.14 0.64
CA ILE A 57 9.89 -0.96 1.60
C ILE A 57 10.51 -0.45 2.89
N ALA A 58 9.84 -0.72 4.00
CA ALA A 58 10.35 -0.34 5.32
C ALA A 58 9.97 -1.46 6.29
N THR A 59 10.50 -1.39 7.50
CA THR A 59 10.21 -2.38 8.51
CA THR A 59 10.26 -2.39 8.54
C THR A 59 9.73 -1.69 9.78
N GLN A 60 8.86 -2.37 10.51
CA GLN A 60 8.36 -1.80 11.76
C GLN A 60 8.09 -2.92 12.74
N SER A 61 8.19 -2.60 14.03
N SER A 61 8.15 -2.60 14.01
CA SER A 61 7.80 -3.49 15.11
CA SER A 61 7.73 -3.53 15.05
C SER A 61 6.37 -3.20 15.54
C SER A 61 6.34 -3.21 15.53
N PHE A 62 5.61 -4.26 15.83
CA PHE A 62 4.24 -4.16 16.28
C PHE A 62 3.96 -5.34 17.15
N ASP A 63 3.54 -5.10 18.40
CA ASP A 63 3.25 -6.22 19.31
C ASP A 63 4.41 -7.18 19.45
N GLY A 64 5.63 -6.66 19.40
CA GLY A 64 6.80 -7.48 19.62
C GLY A 64 7.22 -8.34 18.47
N ALA A 65 6.73 -8.08 17.25
CA ALA A 65 7.22 -8.77 16.07
C ALA A 65 7.57 -7.72 15.04
N VAL A 66 8.46 -8.06 14.12
CA VAL A 66 8.93 -7.16 13.09
C VAL A 66 8.35 -7.60 11.74
N TYR A 67 7.84 -6.62 10.98
CA TYR A 67 7.22 -6.86 9.72
C TYR A 67 7.74 -5.89 8.67
N PRO A 68 7.88 -6.33 7.43
CA PRO A 68 8.08 -5.41 6.32
C PRO A 68 6.73 -4.86 5.87
N SER A 69 6.81 -3.89 4.96
N SER A 69 6.74 -3.68 5.23
CA SER A 69 5.60 -3.26 4.45
CA SER A 69 5.59 -3.22 4.46
C SER A 69 5.95 -2.42 3.27
C SER A 69 6.01 -2.49 3.22
N ASN A 70 5.11 -2.48 2.26
CA ASN A 70 5.29 -1.79 0.97
C ASN A 70 4.41 -0.56 0.82
N GLY A 71 4.85 0.35 0.00
CA GLY A 71 4.05 1.37 -0.63
C GLY A 71 4.47 1.60 -2.06
N LEU A 72 3.94 2.62 -2.71
CA LEU A 72 4.19 2.88 -4.12
C LEU A 72 4.60 4.31 -4.31
N ILE A 73 5.39 4.58 -5.35
CA ILE A 73 5.76 5.91 -5.84
C ILE A 73 5.54 5.91 -7.33
N VAL A 74 4.82 6.91 -7.83
CA VAL A 74 4.50 6.98 -9.27
C VAL A 74 4.89 8.36 -9.78
N ARG A 75 5.73 8.42 -10.81
N ARG A 75 5.69 8.42 -10.83
CA ARG A 75 6.09 9.69 -11.42
CA ARG A 75 6.07 9.70 -11.41
C ARG A 75 4.85 10.32 -12.06
C ARG A 75 4.86 10.33 -12.09
N ASP A 76 4.73 11.61 -11.84
CA ASP A 76 3.57 12.45 -12.16
C ASP A 76 4.20 13.70 -12.83
N GLY A 77 4.73 13.55 -14.03
CA GLY A 77 5.53 14.59 -14.71
C GLY A 77 6.88 14.89 -14.09
N ASP A 78 7.02 16.07 -13.52
CA ASP A 78 8.18 16.45 -12.74
C ASP A 78 7.88 16.40 -11.24
N GLU A 79 6.82 15.72 -10.84
CA GLU A 79 6.50 15.52 -9.42
C GLU A 79 6.24 14.02 -9.20
N LEU A 80 6.05 13.65 -7.93
CA LEU A 80 5.76 12.27 -7.56
C LEU A 80 4.47 12.20 -6.77
N LEU A 81 3.73 11.12 -7.01
CA LEU A 81 2.60 10.70 -6.20
C LEU A 81 3.05 9.55 -5.34
N LEU A 82 2.80 9.66 -4.04
CA LEU A 82 3.10 8.62 -3.06
C LEU A 82 1.84 7.87 -2.70
N ILE A 83 1.91 6.55 -2.66
CA ILE A 83 0.85 5.68 -2.14
C ILE A 83 1.37 5.03 -0.86
N ASP A 84 0.72 5.42 0.25
CA ASP A 84 0.95 4.88 1.60
C ASP A 84 2.25 5.41 2.21
N THR A 85 2.19 5.60 3.52
CA THR A 85 3.37 5.94 4.29
C THR A 85 4.27 4.73 4.44
N ALA A 86 5.43 4.95 5.08
CA ALA A 86 6.38 3.89 5.41
C ALA A 86 6.21 3.32 6.82
N TRP A 87 5.03 3.42 7.37
CA TRP A 87 4.70 2.80 8.66
C TRP A 87 5.45 3.45 9.80
N GLY A 88 5.13 4.68 10.06
CA GLY A 88 5.67 5.43 11.17
C GLY A 88 6.28 6.74 10.75
N ALA A 89 6.38 7.64 11.71
CA ALA A 89 6.92 8.95 11.49
C ALA A 89 8.40 8.93 11.07
N LYS A 90 9.24 8.24 11.84
N LYS A 90 9.24 8.21 11.81
CA LYS A 90 10.65 8.17 11.50
CA LYS A 90 10.64 8.19 11.47
C LYS A 90 10.86 7.49 10.16
C LYS A 90 10.91 7.45 10.18
N ASN A 91 10.20 6.35 9.95
CA ASN A 91 10.31 5.67 8.68
C ASN A 91 9.91 6.57 7.51
N THR A 92 8.85 7.35 7.69
CA THR A 92 8.35 8.21 6.62
C THR A 92 9.30 9.35 6.34
N ALA A 93 9.94 9.92 7.38
CA ALA A 93 11.01 10.89 7.14
C ALA A 93 12.14 10.24 6.36
N ALA A 94 12.50 9.02 6.71
CA ALA A 94 13.55 8.32 5.99
C ALA A 94 13.14 8.02 4.54
N LEU A 95 11.85 7.76 4.30
CA LEU A 95 11.33 7.58 2.94
C LEU A 95 11.53 8.83 2.10
N LEU A 96 11.16 9.99 2.65
CA LEU A 96 11.35 11.24 1.92
C LEU A 96 12.83 11.45 1.57
N ALA A 97 13.72 11.16 2.50
CA ALA A 97 15.16 11.32 2.24
C ALA A 97 15.62 10.33 1.16
N GLU A 98 15.14 9.11 1.21
CA GLU A 98 15.50 8.14 0.20
C GLU A 98 15.02 8.54 -1.19
N ILE A 99 13.80 9.07 -1.27
CA ILE A 99 13.28 9.58 -2.54
C ILE A 99 14.16 10.70 -3.05
N GLU A 100 14.56 11.61 -2.18
CA GLU A 100 15.40 12.71 -2.63
C GLU A 100 16.73 12.21 -3.19
N LYS A 101 17.30 11.22 -2.55
CA LYS A 101 18.57 10.67 -2.93
C LYS A 101 18.45 9.90 -4.27
N GLN A 102 17.44 9.05 -4.41
CA GLN A 102 17.32 8.14 -5.52
C GLN A 102 16.60 8.68 -6.73
N ILE A 103 15.67 9.58 -6.55
CA ILE A 103 14.79 10.05 -7.61
C ILE A 103 14.93 11.54 -7.83
N GLY A 104 14.92 12.33 -6.75
CA GLY A 104 15.19 13.74 -6.84
C GLY A 104 14.06 14.61 -7.35
N LEU A 105 12.86 14.13 -7.33
CA LEU A 105 11.66 14.89 -7.67
C LEU A 105 10.80 15.05 -6.45
N PRO A 106 10.05 16.12 -6.32
CA PRO A 106 9.30 16.36 -5.10
C PRO A 106 8.05 15.49 -5.05
N VAL A 107 7.77 14.97 -3.85
CA VAL A 107 6.50 14.35 -3.54
C VAL A 107 5.50 15.42 -3.26
N THR A 108 4.45 15.51 -4.09
CA THR A 108 3.48 16.58 -3.90
C THR A 108 2.15 16.09 -3.35
N ARG A 109 1.80 14.82 -3.52
CA ARG A 109 0.54 14.30 -3.04
C ARG A 109 0.78 12.89 -2.54
N ALA A 110 -0.03 12.45 -1.57
CA ALA A 110 -0.01 11.11 -1.08
C ALA A 110 -1.43 10.61 -0.89
N VAL A 111 -1.66 9.34 -1.19
CA VAL A 111 -2.92 8.66 -0.92
C VAL A 111 -2.64 7.51 0.03
N SER A 112 -3.46 7.39 1.07
CA SER A 112 -3.44 6.26 1.96
C SER A 112 -4.57 5.29 1.61
N THR A 113 -4.25 4.00 1.49
CA THR A 113 -5.19 3.04 0.96
C THR A 113 -6.05 2.34 2.00
N HIS A 114 -5.78 2.50 3.29
CA HIS A 114 -6.73 2.22 4.37
C HIS A 114 -6.21 2.86 5.63
N PHE A 115 -6.90 2.62 6.74
CA PHE A 115 -6.70 3.45 7.96
C PHE A 115 -5.63 2.95 8.89
N HIS A 116 -5.04 1.79 8.68
CA HIS A 116 -4.05 1.23 9.60
C HIS A 116 -2.75 2.04 9.57
N ASP A 117 -1.97 1.88 10.63
N ASP A 117 -1.92 1.86 10.61
CA ASP A 117 -0.73 2.65 10.79
CA ASP A 117 -0.71 2.65 10.75
C ASP A 117 0.34 2.36 9.77
C ASP A 117 0.33 2.40 9.66
N ASP A 118 0.32 1.21 9.06
CA ASP A 118 1.22 0.96 7.95
C ASP A 118 0.84 1.75 6.69
N ARG A 119 -0.28 2.44 6.72
CA ARG A 119 -0.78 3.22 5.59
C ARG A 119 -0.84 4.72 5.89
N VAL A 120 -1.17 5.10 7.12
CA VAL A 120 -1.32 6.48 7.53
C VAL A 120 -0.27 6.93 8.55
N GLY A 121 0.48 6.02 9.18
CA GLY A 121 1.42 6.46 10.20
C GLY A 121 2.59 7.13 9.50
N GLY A 122 2.76 8.43 9.73
CA GLY A 122 3.66 9.24 8.87
C GLY A 122 2.96 10.31 8.14
N VAL A 123 1.62 10.34 8.11
CA VAL A 123 0.92 11.41 7.44
C VAL A 123 1.25 12.78 8.02
N ASP A 124 1.45 12.89 9.34
CA ASP A 124 1.81 14.20 9.88
C ASP A 124 3.18 14.65 9.35
N VAL A 125 4.16 13.73 9.24
CA VAL A 125 5.44 14.03 8.64
C VAL A 125 5.26 14.54 7.21
N LEU A 126 4.46 13.85 6.44
CA LEU A 126 4.18 14.26 5.05
C LEU A 126 3.60 15.64 5.00
N ARG A 127 2.60 15.89 5.85
N ARG A 127 2.56 15.89 5.79
CA ARG A 127 1.90 17.17 5.86
CA ARG A 127 1.91 17.19 5.75
C ARG A 127 2.83 18.30 6.20
C ARG A 127 2.87 18.32 6.10
N ALA A 128 3.79 18.12 7.07
CA ALA A 128 4.81 19.15 7.41
C ALA A 128 5.95 19.25 6.38
N ALA A 129 6.07 18.35 5.45
CA ALA A 129 6.97 18.36 4.33
C ALA A 129 6.31 18.90 3.06
N GLY A 130 5.14 19.48 3.15
CA GLY A 130 4.50 20.07 1.98
C GLY A 130 3.72 19.10 1.14
N VAL A 131 3.47 17.88 1.58
CA VAL A 131 2.74 16.91 0.81
C VAL A 131 1.28 17.03 1.16
N ALA A 132 0.43 17.10 0.14
CA ALA A 132 -1.00 17.06 0.34
C ALA A 132 -1.45 15.60 0.49
N THR A 133 -2.14 15.31 1.59
CA THR A 133 -2.49 13.93 1.94
C THR A 133 -3.98 13.69 1.73
N TYR A 134 -4.31 12.53 1.18
CA TYR A 134 -5.64 12.18 0.74
C TYR A 134 -6.00 10.75 1.20
N ALA A 135 -7.31 10.54 1.42
CA ALA A 135 -7.85 9.20 1.68
C ALA A 135 -9.35 9.29 1.48
N SER A 136 -10.00 8.14 1.35
CA SER A 136 -11.46 8.16 1.28
C SER A 136 -12.03 8.68 2.58
N PRO A 137 -13.29 9.14 2.55
CA PRO A 137 -13.94 9.52 3.81
C PRO A 137 -14.03 8.37 4.78
N SER A 138 -14.22 7.16 4.29
N SER A 138 -14.27 7.16 4.30
CA SER A 138 -14.30 6.00 5.15
CA SER A 138 -14.28 6.00 5.18
C SER A 138 -12.97 5.77 5.89
C SER A 138 -12.94 5.89 5.93
N THR A 139 -11.85 5.89 5.19
CA THR A 139 -10.55 5.77 5.79
C THR A 139 -10.34 6.88 6.81
N ARG A 140 -10.70 8.12 6.48
CA ARG A 140 -10.52 9.21 7.40
C ARG A 140 -11.28 9.03 8.69
N ARG A 141 -12.52 8.52 8.59
N ARG A 141 -12.54 8.58 8.60
CA ARG A 141 -13.35 8.30 9.79
CA ARG A 141 -13.33 8.31 9.81
C ARG A 141 -12.78 7.19 10.63
C ARG A 141 -12.69 7.22 10.64
N LEU A 142 -12.30 6.12 10.02
CA LEU A 142 -11.71 4.99 10.75
C LEU A 142 -10.42 5.38 11.40
N ALA A 143 -9.59 6.13 10.69
CA ALA A 143 -8.33 6.59 11.25
C ALA A 143 -8.57 7.43 12.48
N GLU A 144 -9.48 8.39 12.38
CA GLU A 144 -9.81 9.23 13.50
C GLU A 144 -10.27 8.40 14.70
N ALA A 145 -11.17 7.44 14.46
CA ALA A 145 -11.71 6.64 15.53
C ALA A 145 -10.63 5.79 16.20
N GLU A 146 -9.64 5.38 15.44
CA GLU A 146 -8.55 4.48 15.90
C GLU A 146 -7.50 5.25 16.66
N GLY A 147 -7.49 6.58 16.53
CA GLY A 147 -6.37 7.36 17.05
C GLY A 147 -5.15 7.33 16.14
N ASN A 148 -5.36 7.12 14.85
CA ASN A 148 -4.26 7.16 13.91
C ASN A 148 -4.19 8.54 13.25
N GLU A 149 -3.11 8.81 12.54
CA GLU A 149 -2.97 10.05 11.80
C GLU A 149 -4.01 10.11 10.68
N ILE A 150 -4.47 11.32 10.36
CA ILE A 150 -5.64 11.49 9.50
C ILE A 150 -5.22 12.28 8.27
N PRO A 151 -5.32 11.70 7.08
CA PRO A 151 -5.09 12.47 5.84
C PRO A 151 -6.01 13.69 5.77
N THR A 152 -5.51 14.75 5.14
CA THR A 152 -6.24 16.02 5.10
C THR A 152 -7.48 16.00 4.22
N HIS A 153 -7.37 15.45 3.04
CA HIS A 153 -8.36 15.62 1.98
C HIS A 153 -9.12 14.34 1.75
N SER A 154 -10.41 14.45 1.49
CA SER A 154 -11.29 13.32 1.24
C SER A 154 -11.41 13.01 -0.23
N LEU A 155 -11.36 11.75 -0.57
CA LEU A 155 -11.51 11.22 -1.93
C LEU A 155 -12.95 10.71 -2.11
N GLU A 156 -13.76 11.52 -2.76
CA GLU A 156 -15.12 11.14 -3.08
C GLU A 156 -15.16 10.19 -4.28
N GLY A 157 -16.35 9.62 -4.55
CA GLY A 157 -16.47 8.78 -5.70
C GLY A 157 -16.04 7.38 -5.58
N LEU A 158 -15.75 6.91 -4.35
CA LEU A 158 -15.20 5.60 -4.04
C LEU A 158 -16.03 4.83 -3.03
N SER A 159 -17.25 5.23 -2.76
CA SER A 159 -17.99 4.62 -1.67
C SER A 159 -18.71 3.35 -1.99
N SER A 160 -18.91 3.01 -3.26
N SER A 160 -18.85 3.01 -3.25
CA SER A 160 -19.58 1.77 -3.63
CA SER A 160 -19.56 1.80 -3.68
C SER A 160 -18.60 0.81 -4.28
C SER A 160 -18.57 0.83 -4.30
N SER A 161 -18.69 -0.48 -3.95
N SER A 161 -18.74 -0.47 -4.00
CA SER A 161 -17.78 -1.45 -4.54
CA SER A 161 -17.88 -1.48 -4.59
C SER A 161 -17.86 -1.39 -6.08
C SER A 161 -17.90 -1.40 -6.11
N GLY A 162 -16.71 -1.45 -6.71
CA GLY A 162 -16.55 -1.30 -8.12
C GLY A 162 -16.31 0.13 -8.57
N ASP A 163 -16.38 1.10 -7.69
CA ASP A 163 -16.10 2.46 -8.02
C ASP A 163 -14.64 2.68 -8.36
N ALA A 164 -14.40 3.62 -9.28
CA ALA A 164 -13.05 3.96 -9.68
C ALA A 164 -12.97 5.47 -9.95
N VAL A 165 -11.86 6.08 -9.63
CA VAL A 165 -11.62 7.49 -9.92
C VAL A 165 -10.16 7.64 -10.37
N ARG A 166 -9.88 8.66 -11.17
N ARG A 166 -9.89 8.63 -11.19
CA ARG A 166 -8.54 8.98 -11.53
CA ARG A 166 -8.54 8.98 -11.54
C ARG A 166 -7.93 9.93 -10.53
C ARG A 166 -7.92 9.93 -10.54
N PHE A 167 -6.61 9.73 -10.31
CA PHE A 167 -5.84 10.57 -9.40
C PHE A 167 -4.44 10.67 -9.96
N GLY A 168 -4.16 11.76 -10.65
CA GLY A 168 -2.88 11.86 -11.31
C GLY A 168 -2.65 10.70 -12.25
N PRO A 169 -1.48 10.06 -12.16
CA PRO A 169 -1.13 8.97 -13.05
C PRO A 169 -1.69 7.62 -12.66
N VAL A 170 -2.59 7.54 -11.69
CA VAL A 170 -3.18 6.27 -11.29
C VAL A 170 -4.69 6.32 -11.34
N GLU A 171 -5.25 5.12 -11.27
CA GLU A 171 -6.66 4.88 -11.00
C GLU A 171 -6.76 4.31 -9.59
N LEU A 172 -7.69 4.83 -8.80
CA LEU A 172 -8.03 4.31 -7.49
C LEU A 172 -9.32 3.51 -7.64
N PHE A 173 -9.38 2.35 -7.02
CA PHE A 173 -10.48 1.41 -7.16
C PHE A 173 -10.89 0.89 -5.81
N TYR A 174 -12.17 0.93 -5.49
CA TYR A 174 -12.67 0.35 -4.26
C TYR A 174 -13.30 -1.00 -4.57
N PRO A 175 -12.68 -2.11 -4.14
CA PRO A 175 -13.16 -3.42 -4.57
C PRO A 175 -14.24 -3.99 -3.67
N GLY A 176 -14.53 -3.34 -2.56
CA GLY A 176 -15.35 -3.89 -1.51
C GLY A 176 -14.48 -4.27 -0.30
N ALA A 177 -15.18 -4.66 0.76
CA ALA A 177 -14.51 -5.01 2.00
C ALA A 177 -13.63 -6.24 1.84
N ALA A 178 -12.45 -6.21 2.46
CA ALA A 178 -11.50 -7.33 2.31
C ALA A 178 -10.67 -7.36 3.59
N HIS A 179 -9.38 -6.94 3.48
CA HIS A 179 -8.54 -6.76 4.64
C HIS A 179 -9.10 -5.75 5.62
N SER A 180 -9.74 -4.73 5.10
CA SER A 180 -10.47 -3.75 5.87
C SER A 180 -11.68 -3.34 5.07
N THR A 181 -12.63 -2.62 5.70
N THR A 181 -12.61 -2.63 5.71
CA THR A 181 -13.83 -2.20 4.98
CA THR A 181 -13.83 -2.22 5.00
C THR A 181 -13.53 -1.09 3.98
C THR A 181 -13.56 -1.07 4.02
N ASP A 182 -12.46 -0.34 4.21
CA ASP A 182 -12.13 0.84 3.45
C ASP A 182 -11.01 0.61 2.42
N ASN A 183 -10.45 -0.58 2.30
CA ASN A 183 -9.27 -0.76 1.47
C ASN A 183 -9.50 -0.36 0.01
N LEU A 184 -8.54 0.40 -0.50
CA LEU A 184 -8.45 0.77 -1.89
C LEU A 184 -7.32 0.05 -2.59
N VAL A 185 -7.47 -0.06 -3.91
N VAL A 185 -7.48 -0.21 -3.88
CA VAL A 185 -6.47 -0.65 -4.78
CA VAL A 185 -6.36 -0.68 -4.70
C VAL A 185 -6.06 0.44 -5.76
C VAL A 185 -6.03 0.43 -5.72
N VAL A 186 -4.83 0.37 -6.27
CA VAL A 186 -4.30 1.39 -7.16
C VAL A 186 -3.76 0.75 -8.39
N TYR A 187 -4.13 1.27 -9.57
CA TYR A 187 -3.63 0.78 -10.85
C TYR A 187 -2.87 1.85 -11.55
N VAL A 188 -1.73 1.51 -12.12
CA VAL A 188 -0.92 2.43 -12.91
C VAL A 188 -1.08 2.04 -14.38
N PRO A 189 -1.97 2.71 -15.13
CA PRO A 189 -2.27 2.18 -16.47
C PRO A 189 -1.09 2.21 -17.41
N SER A 190 -0.17 3.15 -17.26
CA SER A 190 0.95 3.23 -18.21
C SER A 190 1.88 2.04 -18.12
N ALA A 191 1.87 1.35 -16.99
CA ALA A 191 2.75 0.24 -16.77
C ALA A 191 2.04 -1.08 -16.46
N ASN A 192 0.71 -1.09 -16.39
CA ASN A 192 -0.06 -2.24 -15.99
C ASN A 192 0.38 -2.79 -14.64
N VAL A 193 0.60 -1.89 -13.70
CA VAL A 193 0.96 -2.25 -12.33
C VAL A 193 -0.24 -2.14 -11.44
N LEU A 194 -0.56 -3.24 -10.75
CA LEU A 194 -1.66 -3.28 -9.80
C LEU A 194 -1.04 -3.31 -8.39
N TYR A 195 -1.28 -2.28 -7.64
CA TYR A 195 -0.89 -2.19 -6.23
C TYR A 195 -2.10 -2.56 -5.40
N GLY A 196 -2.07 -3.77 -4.86
CA GLY A 196 -3.21 -4.29 -4.13
C GLY A 196 -3.32 -3.84 -2.74
N GLY A 197 -2.25 -3.31 -2.17
CA GLY A 197 -2.24 -3.00 -0.78
C GLY A 197 -2.54 -4.22 0.06
N CYS A 198 -3.09 -3.99 1.27
CA CYS A 198 -3.21 -5.08 2.20
C CYS A 198 -4.34 -6.06 1.91
N ALA A 199 -5.19 -5.75 0.93
CA ALA A 199 -6.13 -6.69 0.40
C ALA A 199 -5.49 -7.82 -0.41
N VAL A 200 -4.23 -7.70 -0.75
CA VAL A 200 -3.53 -8.72 -1.56
C VAL A 200 -2.31 -9.20 -0.78
N HIS A 201 -2.13 -10.50 -0.72
N HIS A 201 -2.17 -10.50 -0.66
CA HIS A 201 -1.02 -11.13 -0.06
CA HIS A 201 -1.04 -11.19 -0.04
C HIS A 201 -0.01 -11.70 -1.03
C HIS A 201 -0.01 -11.60 -1.05
N GLU A 202 1.23 -11.74 -0.54
CA GLU A 202 2.31 -12.34 -1.30
C GLU A 202 2.17 -13.85 -1.43
N LEU A 203 2.80 -14.38 -2.45
CA LEU A 203 2.66 -15.84 -2.75
C LEU A 203 3.15 -16.74 -1.60
N SER A 204 4.13 -16.33 -0.80
CA SER A 204 4.57 -17.18 0.32
C SER A 204 3.69 -17.14 1.54
N SER A 205 2.71 -16.28 1.57
N SER A 205 2.68 -16.28 1.54
CA SER A 205 1.89 -16.17 2.76
CA SER A 205 1.78 -16.15 2.67
C SER A 205 1.13 -17.46 2.98
C SER A 205 1.12 -17.49 2.98
N THR A 206 1.00 -17.76 4.28
CA THR A 206 0.31 -18.92 4.80
C THR A 206 -0.89 -18.57 5.67
N SER A 207 -1.13 -17.31 5.89
CA SER A 207 -2.25 -16.89 6.68
C SER A 207 -2.68 -15.55 6.11
N ALA A 208 -3.86 -15.17 6.47
CA ALA A 208 -4.41 -13.91 6.02
C ALA A 208 -3.87 -12.70 6.74
N GLY A 209 -2.67 -12.78 7.41
CA GLY A 209 -2.06 -11.58 8.00
C GLY A 209 -2.87 -11.05 9.14
N ASN A 210 -2.89 -9.72 9.32
CA ASN A 210 -3.62 -9.12 10.43
C ASN A 210 -5.06 -8.92 10.01
N VAL A 211 -5.94 -9.77 10.54
CA VAL A 211 -7.33 -9.82 10.12
C VAL A 211 -8.25 -9.14 11.09
N ALA A 212 -7.68 -8.36 12.00
CA ALA A 212 -8.53 -7.77 13.03
C ALA A 212 -9.72 -7.02 12.50
N ASP A 213 -9.54 -6.30 11.41
CA ASP A 213 -10.54 -5.42 10.81
C ASP A 213 -11.09 -5.95 9.49
N ALA A 214 -10.84 -7.23 9.21
CA ALA A 214 -11.14 -7.82 7.93
C ALA A 214 -12.59 -8.31 7.83
N ASP A 215 -13.07 -8.52 6.59
CA ASP A 215 -14.31 -9.20 6.30
C ASP A 215 -13.95 -10.47 5.51
N LEU A 216 -13.69 -11.60 6.23
CA LEU A 216 -13.21 -12.81 5.56
C LEU A 216 -14.22 -13.34 4.55
N ALA A 217 -15.51 -13.18 4.85
CA ALA A 217 -16.57 -13.69 3.98
C ALA A 217 -16.64 -12.88 2.68
N GLU A 218 -16.45 -11.54 2.72
CA GLU A 218 -16.53 -10.72 1.51
C GLU A 218 -15.24 -10.68 0.73
N TRP A 219 -14.14 -10.91 1.40
CA TRP A 219 -12.81 -10.76 0.81
C TRP A 219 -12.70 -11.47 -0.54
N PRO A 220 -13.04 -12.75 -0.68
N PRO A 220 -13.03 -12.76 -0.67
CA PRO A 220 -12.94 -13.38 -2.02
CA PRO A 220 -12.94 -13.38 -2.02
C PRO A 220 -13.73 -12.65 -3.08
C PRO A 220 -13.73 -12.66 -3.08
N THR A 221 -14.94 -12.22 -2.76
CA THR A 221 -15.77 -11.45 -3.72
C THR A 221 -15.09 -10.15 -4.15
N SER A 222 -14.46 -9.49 -3.19
CA SER A 222 -13.71 -8.26 -3.50
C SER A 222 -12.51 -8.55 -4.36
N VAL A 223 -11.80 -9.65 -4.12
CA VAL A 223 -10.69 -10.05 -4.99
C VAL A 223 -11.16 -10.38 -6.38
N GLU A 224 -12.30 -11.08 -6.51
N GLU A 224 -12.31 -11.08 -6.51
CA GLU A 224 -12.86 -11.37 -7.81
CA GLU A 224 -12.83 -11.37 -7.82
C GLU A 224 -13.15 -10.09 -8.58
C GLU A 224 -13.13 -10.09 -8.59
N ARG A 225 -13.59 -9.04 -7.88
CA ARG A 225 -13.84 -7.78 -8.54
C ARG A 225 -12.57 -7.18 -9.08
N ILE A 226 -11.48 -7.27 -8.32
CA ILE A 226 -10.19 -6.80 -8.79
C ILE A 226 -9.74 -7.57 -10.02
N GLN A 227 -9.84 -8.90 -9.97
CA GLN A 227 -9.47 -9.74 -11.10
C GLN A 227 -10.25 -9.35 -12.37
N LYS A 228 -11.53 -9.07 -12.22
CA LYS A 228 -12.37 -8.75 -13.36
C LYS A 228 -12.02 -7.39 -13.91
N HIS A 229 -11.68 -6.45 -13.03
CA HIS A 229 -11.47 -5.07 -13.47
C HIS A 229 -10.08 -4.88 -14.09
N TYR A 230 -9.08 -5.66 -13.66
CA TYR A 230 -7.70 -5.47 -14.08
C TYR A 230 -7.09 -6.73 -14.67
N PRO A 231 -7.68 -7.27 -15.73
CA PRO A 231 -7.20 -8.54 -16.29
C PRO A 231 -5.85 -8.41 -16.97
N GLU A 232 -5.39 -7.21 -17.27
N GLU A 232 -5.40 -7.22 -17.30
CA GLU A 232 -4.15 -6.98 -17.98
CA GLU A 232 -4.14 -7.00 -17.99
C GLU A 232 -3.01 -6.63 -17.05
C GLU A 232 -3.01 -6.62 -17.04
N ALA A 233 -3.19 -6.74 -15.74
CA ALA A 233 -2.13 -6.39 -14.84
C ALA A 233 -0.95 -7.32 -15.07
N GLU A 234 0.24 -6.73 -15.10
CA GLU A 234 1.48 -7.44 -15.28
C GLU A 234 2.25 -7.65 -14.00
N VAL A 235 2.21 -6.74 -13.11
CA VAL A 235 2.84 -6.81 -11.79
C VAL A 235 1.73 -6.55 -10.79
N VAL A 236 1.72 -7.33 -9.74
CA VAL A 236 0.83 -7.18 -8.60
C VAL A 236 1.69 -7.04 -7.35
N ILE A 237 1.47 -5.96 -6.62
CA ILE A 237 2.26 -5.63 -5.42
C ILE A 237 1.37 -5.77 -4.21
N PRO A 238 1.74 -6.62 -3.24
CA PRO A 238 0.96 -6.80 -2.02
C PRO A 238 1.32 -5.68 -1.02
N GLY A 239 0.51 -5.54 0.02
CA GLY A 239 0.82 -4.58 1.06
C GLY A 239 2.05 -4.94 1.88
N HIS A 240 2.35 -6.21 1.95
CA HIS A 240 3.51 -6.73 2.67
C HIS A 240 4.10 -7.86 1.85
N GLY A 241 5.38 -7.81 1.61
CA GLY A 241 6.08 -8.91 0.92
C GLY A 241 6.32 -8.70 -0.56
N LEU A 242 6.61 -9.77 -1.25
CA LEU A 242 7.19 -9.69 -2.57
C LEU A 242 6.14 -9.49 -3.63
N PRO A 243 6.40 -8.61 -4.64
CA PRO A 243 5.55 -8.55 -5.81
C PRO A 243 5.62 -9.79 -6.65
N GLY A 244 4.59 -10.01 -7.46
CA GLY A 244 4.56 -11.06 -8.45
C GLY A 244 3.60 -10.70 -9.55
N GLY A 245 2.95 -11.70 -10.11
CA GLY A 245 1.99 -11.50 -11.16
C GLY A 245 0.55 -11.63 -10.67
N LEU A 246 -0.35 -11.86 -11.62
CA LEU A 246 -1.76 -11.96 -11.30
C LEU A 246 -2.08 -13.10 -10.33
N ASP A 247 -1.23 -14.15 -10.23
CA ASP A 247 -1.48 -15.25 -9.30
C ASP A 247 -1.58 -14.82 -7.87
N LEU A 248 -1.04 -13.63 -7.48
CA LEU A 248 -1.20 -13.18 -6.12
C LEU A 248 -2.67 -13.03 -5.77
N LEU A 249 -3.52 -12.65 -6.73
CA LEU A 249 -4.94 -12.50 -6.46
C LEU A 249 -5.60 -13.80 -6.08
N GLN A 250 -5.44 -14.82 -6.91
CA GLN A 250 -6.04 -16.12 -6.59
C GLN A 250 -5.46 -16.69 -5.30
N HIS A 251 -4.14 -16.55 -5.09
CA HIS A 251 -3.52 -17.03 -3.86
C HIS A 251 -4.16 -16.39 -2.66
N THR A 252 -4.38 -15.06 -2.74
CA THR A 252 -4.99 -14.34 -1.65
C THR A 252 -6.38 -14.92 -1.33
N ALA A 253 -7.20 -15.12 -2.37
CA ALA A 253 -8.51 -15.70 -2.12
C ALA A 253 -8.36 -17.05 -1.44
N ASN A 254 -7.41 -17.85 -1.89
CA ASN A 254 -7.23 -19.19 -1.32
C ASN A 254 -6.81 -19.12 0.13
N VAL A 255 -5.88 -18.23 0.52
CA VAL A 255 -5.45 -18.16 1.90
C VAL A 255 -6.52 -17.63 2.80
N VAL A 256 -7.31 -16.67 2.33
CA VAL A 256 -8.36 -16.14 3.15
C VAL A 256 -9.40 -17.17 3.42
N LYS A 257 -9.81 -17.92 2.38
CA LYS A 257 -10.85 -18.96 2.55
C LYS A 257 -10.36 -20.01 3.53
N ALA A 258 -9.07 -20.33 3.51
CA ALA A 258 -8.57 -21.35 4.44
C ALA A 258 -8.43 -20.81 5.88
N HIS A 259 -8.11 -19.50 6.03
CA HIS A 259 -8.10 -18.92 7.36
C HIS A 259 -9.50 -18.94 7.93
N LYS A 260 -10.49 -18.54 7.14
CA LYS A 260 -11.89 -18.59 7.57
C LYS A 260 -12.32 -20.02 7.93
N ASN A 261 -11.99 -21.00 7.09
CA ASN A 261 -12.24 -22.42 7.36
C ASN A 261 -11.44 -22.73 8.63
ZN ZN B . -4.17 -3.01 7.40
ZN ZN C . -1.08 -4.10 6.09
C18 XA9 D . -1.30 -3.09 11.04
C19 XA9 D . -2.61 -3.26 11.79
C20 XA9 D . -0.54 -1.85 11.45
C21 XA9 D . 0.32 -4.60 12.32
C22 XA9 D . 1.06 -5.79 12.43
C23 XA9 D . 1.06 -6.76 11.42
C01 XA9 D . -0.52 -10.16 12.99
C02 XA9 D . 0.18 -10.68 11.74
C04 XA9 D . 0.65 -9.73 9.61
C06 XA9 D . 1.80 -11.03 8.08
C07 XA9 D . 1.84 -9.98 7.22
C08 XA9 D . 1.21 -8.80 7.53
C09 XA9 D . 0.63 -8.62 8.79
C10 XA9 D . 0.02 -7.37 9.12
C11 XA9 D . -0.87 -6.60 8.36
C12 XA9 D . -1.58 -6.97 7.12
C16 XA9 D . -0.45 -5.37 10.19
C17 XA9 D . -0.50 -4.36 11.19
C24 XA9 D . 0.26 -6.56 10.29
N05 XA9 D . 1.21 -10.90 9.30
N15 XA9 D . -1.16 -5.42 8.99
O03 XA9 D . 0.04 -9.61 10.80
O13 XA9 D . -1.93 -8.17 6.98
O14 XA9 D . -1.92 -6.05 6.33
H181 XA9 D . -1.50 -2.93 9.99
H193 XA9 D . -2.59 -4.17 12.37
H191 XA9 D . -3.42 -3.29 11.07
H192 XA9 D . -2.76 -2.40 12.45
H202 XA9 D . -0.16 -1.97 12.45
H203 XA9 D . -1.22 -1.00 11.42
H201 XA9 D . 0.28 -1.69 10.76
H211 XA9 D . 0.37 -3.88 13.11
H221 XA9 D . 1.65 -5.96 13.31
H231 XA9 D . 1.67 -7.65 11.53
H011 XA9 D . -0.40 -10.86 13.80
H012 XA9 D . -1.59 -10.02 12.77
H013 XA9 D . -0.10 -9.20 13.28
H021 XA9 D . 1.23 -10.88 11.95
H022 XA9 D . -0.30 -11.58 11.37
H061 XA9 D . 2.25 -11.97 7.81
H071 XA9 D . 2.38 -10.09 6.27
H081 XA9 D . 1.16 -8.01 6.78
H151 XA9 D . -1.75 -4.71 8.64
#